data_9D9O
#
_entry.id   9D9O
#
_cell.length_a   52.300
_cell.length_b   78.869
_cell.length_c   106.508
_cell.angle_alpha   90.000
_cell.angle_beta   90.000
_cell.angle_gamma   90.000
#
_symmetry.space_group_name_H-M   'P 21 21 21'
#
loop_
_entity.id
_entity.type
_entity.pdbx_description
1 polymer 'Protease 3C'
2 polymer 'RNA (36-MER)'
3 water water
#
loop_
_entity_poly.entity_id
_entity_poly.type
_entity_poly.pdbx_seq_one_letter_code
_entity_poly.pdbx_strand_id
1 'polypeptide(L)'
;MGPAFEFAVAMMKRNSSTVKTEYGEFTMLGIYDRWAVLPRHAKPGPTILMNDQEVGVLDAKELVDKDGTNLELTLLKLNR
NEKFRDIRGFLAKEEVEVNEAVLAINTSKFPNMYIPVGQVTEYGFLNLGGTPTKRMLMYNFPTRAGQAGGVLMSTGKVLG
IHVGGNGHQGFSAALLKHYFNDEQLEHHHHHH
;
A,B
2 'polyribonucleotide' GGCUAGCACUCUGGUAUCACGGUACCUUUGUGCGCC R
#
loop_
_chem_comp.id
_chem_comp.type
_chem_comp.name
_chem_comp.formula
A RNA linking ADENOSINE-5'-MONOPHOSPHATE 'C10 H14 N5 O7 P'
C RNA linking CYTIDINE-5'-MONOPHOSPHATE 'C9 H14 N3 O8 P'
G RNA linking GUANOSINE-5'-MONOPHOSPHATE 'C10 H14 N5 O8 P'
U RNA linking URIDINE-5'-MONOPHOSPHATE 'C9 H13 N2 O9 P'
#
# COMPACT_ATOMS: atom_id res chain seq x y z
N MET A 1 -5.55 -4.23 14.90
CA MET A 1 -5.63 -4.92 16.18
C MET A 1 -4.48 -4.52 17.11
N GLY A 2 -3.52 -5.43 17.27
CA GLY A 2 -2.44 -5.22 18.19
C GLY A 2 -1.64 -3.96 17.89
N PRO A 3 -1.19 -3.27 18.94
CA PRO A 3 -0.44 -2.03 18.72
C PRO A 3 0.79 -2.21 17.86
N ALA A 4 1.46 -3.37 17.91
CA ALA A 4 2.58 -3.60 17.01
C ALA A 4 2.11 -3.78 15.57
N PHE A 5 0.94 -4.40 15.39
CA PHE A 5 0.37 -4.48 14.05
C PHE A 5 -0.01 -3.10 13.51
N GLU A 6 -0.69 -2.28 14.32
CA GLU A 6 -0.92 -0.88 13.94
C GLU A 6 0.38 -0.20 13.53
N PHE A 7 1.43 -0.39 14.35
CA PHE A 7 2.72 0.22 14.05
C PHE A 7 3.27 -0.31 12.73
N ALA A 8 3.17 -1.62 12.51
CA ALA A 8 3.76 -2.20 11.30
C ALA A 8 2.99 -1.77 10.05
N VAL A 9 1.65 -1.70 10.14
CA VAL A 9 0.84 -1.24 9.01
C VAL A 9 1.25 0.17 8.60
N ALA A 10 1.34 1.10 9.58
CA ALA A 10 1.79 2.45 9.25
C ALA A 10 3.18 2.46 8.66
N MET A 11 4.07 1.62 9.23
CA MET A 11 5.46 1.59 8.77
C MET A 11 5.54 1.17 7.32
N MET A 12 4.77 0.14 6.95
CA MET A 12 4.79 -0.32 5.57
C MET A 12 4.12 0.69 4.64
N LYS A 13 3.05 1.31 5.12
CA LYS A 13 2.36 2.31 4.32
C LYS A 13 3.24 3.52 4.04
N ARG A 14 3.98 3.98 5.05
CA ARG A 14 4.68 5.25 4.93
C ARG A 14 6.14 5.11 4.52
N ASN A 15 6.76 3.96 4.77
CA ASN A 15 8.20 3.86 4.60
C ASN A 15 8.67 2.67 3.81
N SER A 16 7.78 1.79 3.34
CA SER A 16 8.27 0.63 2.63
C SER A 16 7.96 0.71 1.15
N SER A 17 8.72 -0.05 0.38
CA SER A 17 8.45 -0.19 -1.03
C SER A 17 8.95 -1.57 -1.47
N THR A 18 8.48 -1.98 -2.65
CA THR A 18 8.91 -3.22 -3.26
C THR A 18 9.94 -2.89 -4.33
N VAL A 19 11.10 -3.53 -4.23
CA VAL A 19 12.25 -3.21 -5.05
C VAL A 19 12.66 -4.45 -5.81
N LYS A 20 12.91 -4.28 -7.10
CA LYS A 20 13.50 -5.32 -7.92
C LYS A 20 14.86 -4.81 -8.35
N THR A 21 15.88 -5.62 -8.13
CA THR A 21 17.21 -5.36 -8.64
C THR A 21 17.51 -6.46 -9.63
N GLU A 22 18.73 -6.46 -10.14
CA GLU A 22 19.13 -7.57 -10.99
C GLU A 22 19.11 -8.89 -10.22
N TYR A 23 19.06 -8.84 -8.89
CA TYR A 23 19.23 -10.02 -8.07
C TYR A 23 17.95 -10.45 -7.37
N GLY A 24 16.79 -9.91 -7.77
CA GLY A 24 15.53 -10.40 -7.29
C GLY A 24 14.70 -9.29 -6.72
N GLU A 25 13.64 -9.68 -5.99
CA GLU A 25 12.65 -8.77 -5.46
C GLU A 25 12.80 -8.68 -3.94
N PHE A 26 12.76 -7.46 -3.41
CA PHE A 26 13.05 -7.21 -2.00
C PHE A 26 12.08 -6.18 -1.44
N THR A 27 11.75 -6.36 -0.17
CA THR A 27 11.14 -5.28 0.59
C THR A 27 12.20 -4.22 0.91
N MET A 28 11.86 -2.95 0.76
CA MET A 28 12.84 -1.90 1.04
C MET A 28 12.27 -0.90 2.04
N LEU A 29 13.10 -0.43 2.97
CA LEU A 29 12.69 0.48 4.03
C LEU A 29 13.37 1.85 3.86
N GLY A 30 12.57 2.91 3.82
CA GLY A 30 13.10 4.26 3.79
C GLY A 30 13.28 4.76 5.21
N ILE A 31 14.39 5.44 5.47
CA ILE A 31 14.79 5.80 6.82
C ILE A 31 14.58 7.27 7.09
N TYR A 32 15.08 8.13 6.22
CA TYR A 32 14.92 9.56 6.36
C TYR A 32 15.47 10.18 5.10
N ASP A 33 15.05 11.42 4.82
CA ASP A 33 15.52 12.11 3.63
C ASP A 33 15.26 11.22 2.42
N ARG A 34 16.31 10.88 1.66
CA ARG A 34 16.21 9.99 0.51
C ARG A 34 17.05 8.72 0.67
N TRP A 35 17.38 8.37 1.91
CA TRP A 35 18.17 7.19 2.22
C TRP A 35 17.27 6.01 2.57
N ALA A 36 17.61 4.85 2.01
CA ALA A 36 16.88 3.61 2.23
C ALA A 36 17.87 2.49 2.54
N VAL A 37 17.34 1.34 2.94
CA VAL A 37 18.15 0.19 3.31
C VAL A 37 17.72 -0.99 2.46
N LEU A 38 18.70 -1.77 2.01
CA LEU A 38 18.47 -3.07 1.41
C LEU A 38 19.41 -4.09 2.02
N PRO A 39 19.07 -5.39 1.94
CA PRO A 39 20.07 -6.40 2.24
C PRO A 39 21.23 -6.23 1.27
N ARG A 40 22.44 -6.53 1.76
CA ARG A 40 23.61 -6.35 0.91
C ARG A 40 23.51 -7.19 -0.35
N HIS A 41 22.97 -8.41 -0.22
CA HIS A 41 22.90 -9.29 -1.38
C HIS A 41 22.00 -8.74 -2.46
N ALA A 42 21.19 -7.72 -2.18
CA ALA A 42 20.37 -7.13 -3.24
C ALA A 42 21.23 -6.51 -4.33
N LYS A 43 22.46 -6.07 -4.00
CA LYS A 43 23.43 -5.48 -4.93
C LYS A 43 22.77 -4.56 -5.96
N PRO A 44 22.17 -3.45 -5.52
CA PRO A 44 21.50 -2.54 -6.45
C PRO A 44 22.46 -1.87 -7.41
N GLY A 45 22.03 -1.70 -8.67
CA GLY A 45 22.85 -1.08 -9.68
C GLY A 45 22.61 0.41 -9.77
N PRO A 46 22.97 1.02 -10.89
CA PRO A 46 22.79 2.49 -11.03
C PRO A 46 21.35 2.91 -10.99
N THR A 47 20.42 2.02 -11.34
CA THR A 47 19.00 2.30 -11.18
C THR A 47 18.32 1.07 -10.61
N ILE A 48 17.17 1.32 -10.01
CA ILE A 48 16.38 0.35 -9.28
C ILE A 48 14.96 0.36 -9.83
N LEU A 49 14.26 -0.74 -9.64
CA LEU A 49 12.86 -0.79 -9.97
C LEU A 49 12.12 -0.69 -8.65
N MET A 50 11.41 0.40 -8.44
CA MET A 50 10.72 0.70 -7.18
C MET A 50 9.22 0.84 -7.43
N ASN A 51 8.46 -0.13 -6.96
CA ASN A 51 7.06 -0.28 -7.32
C ASN A 51 6.88 -0.27 -8.84
N ASP A 52 7.68 -1.10 -9.49
CA ASP A 52 7.70 -1.24 -10.95
C ASP A 52 7.92 0.08 -11.66
N GLN A 53 8.59 1.03 -11.00
CA GLN A 53 9.01 2.25 -11.65
C GLN A 53 10.52 2.37 -11.50
N GLU A 54 11.18 2.82 -12.56
CA GLU A 54 12.63 2.92 -12.61
C GLU A 54 13.10 4.16 -11.86
N VAL A 55 13.95 3.96 -10.86
CA VAL A 55 14.42 5.04 -9.99
C VAL A 55 15.95 5.03 -9.97
N GLY A 56 16.55 6.16 -10.34
CA GLY A 56 17.99 6.25 -10.29
C GLY A 56 18.49 6.21 -8.86
N VAL A 57 19.69 5.66 -8.68
CA VAL A 57 20.36 5.60 -7.39
C VAL A 57 21.53 6.56 -7.43
N LEU A 58 21.48 7.58 -6.57
CA LEU A 58 22.56 8.56 -6.54
C LEU A 58 23.82 8.01 -5.93
N ASP A 59 23.71 7.15 -4.92
CA ASP A 59 24.85 6.73 -4.12
C ASP A 59 24.43 5.49 -3.34
N ALA A 60 25.37 4.57 -3.15
CA ALA A 60 25.08 3.31 -2.46
C ALA A 60 26.25 2.91 -1.58
N LYS A 61 25.96 2.61 -0.32
CA LYS A 61 26.94 2.39 0.75
C LYS A 61 26.76 0.98 1.31
N GLU A 62 27.80 0.17 1.25
CA GLU A 62 27.82 -1.15 1.91
C GLU A 62 28.43 -1.03 3.30
N LEU A 63 27.66 -1.40 4.33
CA LEU A 63 28.10 -1.18 5.70
C LEU A 63 29.05 -2.26 6.17
N VAL A 64 30.20 -1.83 6.70
CA VAL A 64 31.13 -2.70 7.40
C VAL A 64 31.45 -2.04 8.74
N ASP A 65 31.92 -2.85 9.69
CA ASP A 65 32.30 -2.28 10.98
C ASP A 65 33.70 -1.71 10.88
N LYS A 66 34.25 -1.23 12.00
CA LYS A 66 35.59 -0.66 12.02
C LYS A 66 36.64 -1.69 11.63
N ASP A 67 36.40 -2.97 11.90
CA ASP A 67 37.35 -4.02 11.53
C ASP A 67 37.24 -4.44 10.07
N GLY A 68 36.22 -3.96 9.35
CA GLY A 68 35.93 -4.40 8.00
C GLY A 68 34.96 -5.55 7.85
N THR A 69 34.38 -6.06 8.93
CA THR A 69 33.47 -7.21 8.84
C THR A 69 32.13 -6.79 8.22
N ASN A 70 31.59 -7.68 7.40
CA ASN A 70 30.30 -7.47 6.76
C ASN A 70 29.21 -7.25 7.80
N LEU A 71 28.35 -6.25 7.55
CA LEU A 71 27.14 -6.05 8.32
C LEU A 71 25.89 -6.40 7.54
N GLU A 72 26.04 -6.78 6.26
CA GLU A 72 24.99 -7.33 5.41
C GLU A 72 23.89 -6.30 5.09
N LEU A 73 24.19 -5.01 5.17
CA LEU A 73 23.28 -3.95 4.81
C LEU A 73 23.90 -3.06 3.76
N THR A 74 23.06 -2.55 2.87
CA THR A 74 23.45 -1.53 1.91
C THR A 74 22.53 -0.32 2.06
N LEU A 75 23.11 0.85 2.25
CA LEU A 75 22.38 2.11 2.25
C LEU A 75 22.45 2.71 0.86
N LEU A 76 21.31 3.10 0.30
CA LEU A 76 21.33 3.77 -0.98
C LEU A 76 20.50 5.05 -0.95
N LYS A 77 21.02 6.09 -1.60
CA LYS A 77 20.35 7.37 -1.73
C LYS A 77 19.62 7.41 -3.07
N LEU A 78 18.36 7.80 -3.04
CA LEU A 78 17.48 7.73 -4.21
C LEU A 78 17.35 9.07 -4.90
N ASN A 79 17.38 9.05 -6.24
CA ASN A 79 17.16 10.25 -7.04
C ASN A 79 15.66 10.44 -7.28
N ARG A 80 14.97 10.85 -6.23
CA ARG A 80 13.55 11.14 -6.28
C ARG A 80 13.28 12.38 -5.46
N ASN A 81 12.21 13.09 -5.80
CA ASN A 81 11.91 14.31 -5.06
C ASN A 81 11.48 14.00 -3.63
N GLU A 82 10.70 12.93 -3.46
CA GLU A 82 9.97 12.71 -2.22
C GLU A 82 10.89 12.22 -1.12
N LYS A 83 10.70 12.78 0.08
CA LYS A 83 11.43 12.36 1.27
C LYS A 83 10.63 11.32 2.03
N PHE A 84 11.34 10.40 2.66
CA PHE A 84 10.72 9.45 3.56
C PHE A 84 10.46 10.10 4.91
N ARG A 85 9.38 9.66 5.57
CA ARG A 85 9.14 10.04 6.96
C ARG A 85 10.34 9.64 7.83
N ASP A 86 10.79 10.56 8.69
CA ASP A 86 12.01 10.37 9.48
C ASP A 86 11.74 9.41 10.64
N ILE A 87 12.21 8.17 10.50
CA ILE A 87 11.97 7.17 11.51
C ILE A 87 13.24 6.87 12.31
N ARG A 88 14.22 7.78 12.28
CA ARG A 88 15.46 7.52 12.99
C ARG A 88 15.24 7.43 14.50
N GLY A 89 14.23 8.11 15.02
CA GLY A 89 13.84 7.99 16.40
C GLY A 89 13.17 6.67 16.78
N PHE A 90 12.92 5.79 15.81
CA PHE A 90 12.39 4.48 16.11
C PHE A 90 13.48 3.42 16.08
N LEU A 91 14.75 3.83 16.00
CA LEU A 91 15.90 2.95 15.93
C LEU A 91 16.72 3.07 17.21
N ALA A 92 17.28 1.96 17.68
CA ALA A 92 17.99 2.03 18.95
C ALA A 92 19.47 2.34 18.73
N LYS A 93 20.12 2.80 19.82
CA LYS A 93 21.57 2.94 19.80
C LYS A 93 22.27 1.59 19.70
N GLU A 94 21.83 0.58 20.47
CA GLU A 94 22.48 -0.73 20.49
C GLU A 94 21.46 -1.82 20.21
N GLU A 95 21.93 -3.07 20.12
CA GLU A 95 21.04 -4.19 19.78
C GLU A 95 19.94 -4.34 20.82
N VAL A 96 18.76 -4.70 20.34
CA VAL A 96 17.58 -4.80 21.20
C VAL A 96 17.09 -6.23 21.16
N GLU A 97 16.75 -6.75 22.33
CA GLU A 97 16.10 -8.03 22.46
C GLU A 97 14.66 -7.78 22.90
N VAL A 98 13.72 -8.43 22.24
CA VAL A 98 12.30 -8.27 22.55
C VAL A 98 11.68 -9.64 22.66
N ASN A 99 10.62 -9.72 23.44
CA ASN A 99 9.90 -10.97 23.60
C ASN A 99 9.01 -11.30 22.41
N GLU A 100 8.61 -10.29 21.63
CA GLU A 100 7.66 -10.44 20.54
C GLU A 100 7.91 -9.39 19.49
N ALA A 101 7.92 -9.80 18.24
CA ALA A 101 8.14 -8.89 17.13
C ALA A 101 7.22 -9.29 15.99
N VAL A 102 7.21 -8.44 14.95
CA VAL A 102 6.55 -8.72 13.69
C VAL A 102 7.61 -8.67 12.61
N LEU A 103 7.51 -9.56 11.64
CA LEU A 103 8.29 -9.40 10.41
C LEU A 103 7.34 -8.99 9.28
N ALA A 104 7.53 -7.81 8.71
CA ALA A 104 6.64 -7.30 7.68
C ALA A 104 7.31 -7.39 6.31
N ILE A 105 6.59 -8.00 5.35
CA ILE A 105 7.10 -8.31 4.01
C ILE A 105 6.07 -7.87 2.97
N ASN A 106 6.54 -7.23 1.89
CA ASN A 106 5.64 -6.88 0.78
C ASN A 106 6.34 -7.16 -0.54
N THR A 107 6.20 -8.38 -1.04
CA THR A 107 6.68 -8.74 -2.37
C THR A 107 5.57 -9.49 -3.08
N SER A 108 5.78 -9.74 -4.37
CA SER A 108 4.77 -10.47 -5.10
C SER A 108 4.62 -11.88 -4.55
N LYS A 109 5.63 -12.37 -3.86
CA LYS A 109 5.55 -13.69 -3.25
C LYS A 109 4.93 -13.66 -1.86
N PHE A 110 5.20 -12.63 -1.07
CA PHE A 110 4.62 -12.49 0.26
C PHE A 110 4.00 -11.10 0.34
N PRO A 111 2.84 -10.91 -0.28
CA PRO A 111 2.24 -9.57 -0.32
C PRO A 111 1.51 -9.29 0.98
N ASN A 112 1.79 -8.12 1.57
CA ASN A 112 1.12 -7.67 2.78
C ASN A 112 1.16 -8.70 3.90
N MET A 113 2.34 -9.29 4.11
CA MET A 113 2.50 -10.34 5.10
C MET A 113 3.10 -9.76 6.38
N TYR A 114 2.42 -10.05 7.48
CA TYR A 114 2.86 -9.69 8.83
C TYR A 114 3.02 -10.98 9.60
N ILE A 115 4.25 -11.40 9.84
CA ILE A 115 4.51 -12.70 10.47
C ILE A 115 4.87 -12.45 11.90
N PRO A 116 4.11 -12.97 12.87
CA PRO A 116 4.49 -12.84 14.28
C PRO A 116 5.76 -13.64 14.57
N VAL A 117 6.67 -12.99 15.27
CA VAL A 117 7.96 -13.53 15.65
C VAL A 117 8.03 -13.57 17.18
N GLY A 118 8.55 -14.67 17.71
CA GLY A 118 8.68 -14.75 19.16
C GLY A 118 9.90 -13.99 19.64
N GLN A 119 10.60 -14.63 20.55
CA GLN A 119 11.82 -14.07 21.16
C GLN A 119 12.83 -13.68 20.08
N VAL A 120 13.34 -12.45 20.15
CA VAL A 120 14.44 -11.98 19.32
C VAL A 120 15.65 -11.75 20.21
N THR A 121 16.80 -12.33 19.87
CA THR A 121 17.97 -12.15 20.71
C THR A 121 19.14 -11.68 19.87
N GLU A 122 19.99 -10.85 20.48
CA GLU A 122 21.21 -10.44 19.80
C GLU A 122 22.11 -11.65 19.71
N TYR A 123 22.43 -12.07 18.49
CA TYR A 123 23.27 -13.25 18.41
C TYR A 123 24.71 -12.90 18.07
N GLY A 124 24.94 -11.74 17.46
CA GLY A 124 26.28 -11.27 17.19
C GLY A 124 26.88 -11.84 15.93
N PHE A 125 27.98 -12.57 16.07
CA PHE A 125 28.72 -13.08 14.93
C PHE A 125 28.05 -14.31 14.31
N LEU A 126 28.10 -14.38 12.97
CA LEU A 126 27.48 -15.43 12.18
C LEU A 126 28.20 -15.59 10.86
N ASN A 127 28.24 -16.82 10.35
CA ASN A 127 28.73 -17.08 9.00
C ASN A 127 27.51 -17.32 8.11
N LEU A 128 27.00 -16.26 7.49
CA LEU A 128 25.89 -16.36 6.57
C LEU A 128 26.39 -16.70 5.17
N GLY A 129 26.02 -17.87 4.67
CA GLY A 129 26.32 -18.22 3.29
C GLY A 129 27.78 -18.13 2.91
N GLY A 130 28.69 -18.48 3.82
CA GLY A 130 30.11 -18.36 3.55
C GLY A 130 30.72 -17.00 3.82
N THR A 131 29.95 -16.04 4.31
CA THR A 131 30.48 -14.72 4.64
C THR A 131 30.47 -14.48 6.14
N PRO A 132 31.59 -14.10 6.74
CA PRO A 132 31.54 -13.65 8.15
C PRO A 132 30.66 -12.40 8.28
N THR A 133 29.72 -12.43 9.23
CA THR A 133 28.86 -11.27 9.46
C THR A 133 28.65 -11.03 10.96
N LYS A 134 28.45 -9.76 11.33
CA LYS A 134 28.26 -9.38 12.73
C LYS A 134 26.96 -8.62 12.93
N ARG A 135 26.58 -8.45 14.21
CA ARG A 135 25.41 -7.70 14.66
C ARG A 135 24.12 -8.34 14.19
N MET A 136 24.07 -9.65 14.27
CA MET A 136 22.91 -10.41 13.85
C MET A 136 21.92 -10.60 15.00
N LEU A 137 20.63 -10.56 14.66
CA LEU A 137 19.55 -10.93 15.57
C LEU A 137 18.98 -12.25 15.09
N MET A 138 18.72 -13.15 16.02
CA MET A 138 18.22 -14.48 15.73
C MET A 138 16.82 -14.63 16.32
N TYR A 139 15.98 -15.39 15.61
CA TYR A 139 14.62 -15.71 16.00
C TYR A 139 14.18 -16.95 15.25
N ASN A 140 13.40 -17.81 15.92
CA ASN A 140 12.92 -19.05 15.29
C ASN A 140 12.04 -18.75 14.09
N PHE A 141 12.40 -19.31 12.93
CA PHE A 141 11.65 -18.84 11.81
C PHE A 141 11.78 -19.76 10.61
N PRO A 142 10.70 -20.02 9.88
CA PRO A 142 10.80 -20.79 8.63
C PRO A 142 11.69 -20.04 7.64
N THR A 143 12.47 -20.77 6.89
CA THR A 143 13.37 -20.15 5.91
C THR A 143 12.73 -20.32 4.54
N ARG A 144 12.44 -19.20 3.88
CA ARG A 144 11.75 -19.23 2.60
C ARG A 144 12.31 -18.15 1.68
N ALA A 145 12.30 -18.45 0.39
CA ALA A 145 12.80 -17.52 -0.61
C ALA A 145 11.92 -16.27 -0.68
N GLY A 146 12.54 -15.09 -0.79
CA GLY A 146 11.78 -13.85 -1.00
C GLY A 146 11.42 -13.16 0.29
N GLN A 147 12.04 -13.57 1.39
CA GLN A 147 11.80 -12.93 2.66
C GLN A 147 12.84 -11.90 3.01
N ALA A 148 14.00 -11.89 2.33
CA ALA A 148 15.04 -10.89 2.56
C ALA A 148 14.53 -9.46 2.37
N GLY A 149 14.88 -8.59 3.31
CA GLY A 149 14.39 -7.24 3.30
C GLY A 149 13.24 -7.00 4.26
N GLY A 150 12.63 -8.07 4.77
CA GLY A 150 11.50 -7.90 5.67
C GLY A 150 11.88 -7.03 6.86
N VAL A 151 10.90 -6.30 7.38
CA VAL A 151 11.16 -5.33 8.42
C VAL A 151 10.82 -5.97 9.76
N LEU A 152 11.80 -6.05 10.64
CA LEU A 152 11.60 -6.62 11.95
C LEU A 152 11.22 -5.50 12.90
N MET A 153 10.07 -5.63 13.55
CA MET A 153 9.52 -4.51 14.29
C MET A 153 8.89 -4.94 15.59
N SER A 154 8.78 -3.95 16.45
CA SER A 154 8.05 -3.98 17.70
C SER A 154 7.41 -2.61 17.81
N THR A 155 6.43 -2.44 18.69
CA THR A 155 5.76 -1.14 18.75
C THR A 155 6.76 -0.03 19.08
N GLY A 156 6.88 0.95 18.19
CA GLY A 156 7.78 2.07 18.35
C GLY A 156 9.25 1.77 18.10
N LYS A 157 9.58 0.61 17.56
CA LYS A 157 10.95 0.18 17.40
C LYS A 157 11.13 -0.56 16.09
N VAL A 158 12.07 -0.13 15.25
CA VAL A 158 12.49 -0.92 14.10
C VAL A 158 13.77 -1.66 14.50
N LEU A 159 13.69 -2.98 14.62
CA LEU A 159 14.82 -3.72 15.16
C LEU A 159 15.87 -3.97 14.09
N GLY A 160 15.44 -4.41 12.91
CA GLY A 160 16.40 -4.70 11.88
C GLY A 160 15.72 -5.18 10.62
N ILE A 161 16.56 -5.68 9.73
CA ILE A 161 16.15 -6.13 8.41
C ILE A 161 16.50 -7.61 8.28
N HIS A 162 15.52 -8.41 7.91
CA HIS A 162 15.72 -9.84 7.70
C HIS A 162 16.68 -10.09 6.53
N VAL A 163 17.73 -10.89 6.74
CA VAL A 163 18.70 -11.14 5.69
C VAL A 163 18.97 -12.62 5.42
N GLY A 164 18.33 -13.54 6.12
CA GLY A 164 18.62 -14.93 5.84
C GLY A 164 18.20 -15.88 6.95
N GLY A 165 18.50 -17.15 6.72
CA GLY A 165 18.22 -18.15 7.72
C GLY A 165 18.86 -19.48 7.37
N ASN A 166 18.67 -20.44 8.27
CA ASN A 166 19.33 -21.74 8.17
C ASN A 166 18.32 -22.86 8.17
N GLY A 167 17.07 -22.56 7.86
CA GLY A 167 15.98 -23.52 7.84
C GLY A 167 15.22 -23.64 9.14
N HIS A 168 15.81 -23.17 10.25
CA HIS A 168 15.15 -23.20 11.55
C HIS A 168 15.22 -21.87 12.31
N GLN A 169 16.18 -21.01 12.04
CA GLN A 169 16.18 -19.68 12.62
C GLN A 169 16.27 -18.67 11.50
N GLY A 170 15.75 -17.47 11.76
CA GLY A 170 15.89 -16.37 10.85
C GLY A 170 16.82 -15.34 11.47
N PHE A 171 17.51 -14.61 10.60
CA PHE A 171 18.51 -13.65 11.03
C PHE A 171 18.24 -12.29 10.44
N SER A 172 18.33 -11.25 11.27
CA SER A 172 18.22 -9.87 10.84
C SER A 172 19.47 -9.09 11.20
N ALA A 173 19.99 -8.35 10.22
CA ALA A 173 20.99 -7.33 10.50
C ALA A 173 20.33 -6.23 11.32
N ALA A 174 20.87 -6.00 12.52
CA ALA A 174 20.37 -4.97 13.42
C ALA A 174 20.51 -3.59 12.80
N LEU A 175 19.54 -2.74 13.09
CA LEU A 175 19.39 -1.48 12.37
C LEU A 175 19.66 -0.37 13.38
N LEU A 176 20.93 0.06 13.46
CA LEU A 176 21.35 0.93 14.53
C LEU A 176 21.22 2.41 14.14
N LYS A 177 21.00 3.23 15.18
CA LYS A 177 20.72 4.64 14.96
C LYS A 177 21.92 5.36 14.35
N HIS A 178 23.13 5.01 14.78
CA HIS A 178 24.28 5.80 14.33
C HIS A 178 24.63 5.54 12.87
N TYR A 179 24.07 4.51 12.24
CA TYR A 179 24.28 4.32 10.81
C TYR A 179 23.71 5.47 9.99
N PHE A 180 22.77 6.25 10.53
CA PHE A 180 22.04 7.23 9.74
C PHE A 180 22.23 8.65 10.26
N ASN A 181 23.25 8.89 11.07
CA ASN A 181 23.47 10.24 11.56
C ASN A 181 23.64 11.19 10.38
N ASP A 182 23.01 12.36 10.50
CA ASP A 182 22.93 13.39 9.47
C ASP A 182 24.17 13.45 8.61
N GLU A 183 25.34 13.35 9.24
CA GLU A 183 26.59 13.51 8.53
C GLU A 183 26.90 12.27 7.70
N MET B 1 7.09 10.31 -11.69
CA MET B 1 5.94 9.87 -12.48
C MET B 1 4.98 11.00 -12.82
N GLY B 2 4.04 10.72 -13.70
CA GLY B 2 3.05 11.69 -14.10
C GLY B 2 2.27 12.24 -12.93
N PRO B 3 1.90 13.51 -12.99
CA PRO B 3 1.20 14.13 -11.86
C PRO B 3 -0.12 13.46 -11.50
N ALA B 4 -0.82 12.86 -12.47
CA ALA B 4 -2.04 12.13 -12.15
C ALA B 4 -1.73 10.83 -11.42
N PHE B 5 -0.64 10.17 -11.80
CA PHE B 5 -0.23 8.95 -11.13
C PHE B 5 0.30 9.24 -9.73
N GLU B 6 1.08 10.31 -9.61
CA GLU B 6 1.44 10.82 -8.29
C GLU B 6 0.21 11.05 -7.43
N PHE B 7 -0.83 11.68 -8.01
CA PHE B 7 -2.08 11.87 -7.30
C PHE B 7 -2.76 10.55 -7.00
N ALA B 8 -2.73 9.62 -7.95
CA ALA B 8 -3.44 8.36 -7.73
C ALA B 8 -2.78 7.53 -6.64
N VAL B 9 -1.43 7.48 -6.61
CA VAL B 9 -0.73 6.75 -5.55
C VAL B 9 -1.11 7.28 -4.18
N ALA B 10 -1.13 8.60 -4.02
CA ALA B 10 -1.51 9.18 -2.74
C ALA B 10 -2.95 8.81 -2.36
N MET B 11 -3.84 8.82 -3.35
CA MET B 11 -5.25 8.53 -3.11
C MET B 11 -5.46 7.10 -2.63
N MET B 12 -4.81 6.13 -3.27
CA MET B 12 -5.00 4.74 -2.90
C MET B 12 -4.33 4.46 -1.56
N LYS B 13 -3.17 5.06 -1.32
CA LYS B 13 -2.44 4.86 -0.08
C LYS B 13 -3.20 5.40 1.13
N ARG B 14 -3.81 6.59 0.99
CA ARG B 14 -4.43 7.26 2.12
C ARG B 14 -5.92 6.98 2.24
N ASN B 15 -6.60 6.61 1.16
CA ASN B 15 -8.05 6.59 1.15
C ASN B 15 -8.67 5.30 0.62
N SER B 16 -7.88 4.33 0.14
CA SER B 16 -8.52 3.14 -0.40
C SER B 16 -8.25 1.95 0.52
N SER B 17 -9.05 0.92 0.34
CA SER B 17 -8.84 -0.33 1.06
C SER B 17 -9.43 -1.46 0.21
N THR B 18 -9.11 -2.68 0.58
CA THR B 18 -9.67 -3.86 -0.08
C THR B 18 -10.77 -4.41 0.80
N VAL B 19 -11.96 -4.56 0.23
CA VAL B 19 -13.15 -4.94 0.98
C VAL B 19 -13.73 -6.23 0.42
N LYS B 20 -14.07 -7.16 1.31
CA LYS B 20 -14.78 -8.37 0.94
C LYS B 20 -16.17 -8.43 1.60
N THR B 21 -17.18 -8.68 0.79
CA THR B 21 -18.56 -8.91 1.23
C THR B 21 -18.98 -10.33 0.88
N GLU B 22 -20.26 -10.62 1.08
CA GLU B 22 -20.86 -11.86 0.60
C GLU B 22 -20.87 -11.93 -0.93
N TYR B 23 -20.67 -10.81 -1.62
CA TYR B 23 -20.78 -10.76 -3.07
C TYR B 23 -19.46 -10.51 -3.79
N GLY B 24 -18.32 -10.57 -3.09
CA GLY B 24 -17.05 -10.52 -3.77
C GLY B 24 -16.10 -9.50 -3.18
N GLU B 25 -15.03 -9.23 -3.93
CA GLU B 25 -13.92 -8.42 -3.47
C GLU B 25 -13.94 -7.10 -4.24
N PHE B 26 -13.76 -5.99 -3.52
CA PHE B 26 -13.95 -4.67 -4.10
C PHE B 26 -12.88 -3.71 -3.59
N THR B 27 -12.48 -2.79 -4.46
CA THR B 27 -11.75 -1.62 -4.02
C THR B 27 -12.75 -0.67 -3.37
N MET B 28 -12.40 -0.11 -2.21
CA MET B 28 -13.28 0.78 -1.49
C MET B 28 -12.60 2.11 -1.23
N LEU B 29 -13.34 3.18 -1.41
CA LEU B 29 -12.81 4.53 -1.29
C LEU B 29 -13.42 5.20 -0.07
N GLY B 30 -12.56 5.72 0.81
CA GLY B 30 -13.02 6.51 1.93
C GLY B 30 -13.08 7.97 1.55
N ILE B 31 -14.10 8.67 2.03
CA ILE B 31 -14.34 10.06 1.63
C ILE B 31 -13.91 11.04 2.71
N TYR B 32 -14.38 10.83 3.94
CA TYR B 32 -14.01 11.68 5.06
C TYR B 32 -14.60 11.05 6.30
N ASP B 33 -14.05 11.42 7.44
CA ASP B 33 -14.51 10.87 8.69
C ASP B 33 -14.50 9.34 8.59
N ARG B 34 -15.68 8.73 8.76
CA ARG B 34 -15.81 7.29 8.67
C ARG B 34 -16.74 6.86 7.53
N TRP B 35 -16.98 7.74 6.57
CA TRP B 35 -17.88 7.47 5.46
C TRP B 35 -17.08 6.98 4.27
N ALA B 36 -17.53 5.89 3.66
CA ALA B 36 -16.85 5.33 2.51
C ALA B 36 -17.88 4.99 1.45
N VAL B 37 -17.40 4.68 0.25
CA VAL B 37 -18.24 4.42 -0.91
C VAL B 37 -17.93 3.03 -1.45
N LEU B 38 -18.96 2.32 -1.87
CA LEU B 38 -18.82 1.07 -2.61
C LEU B 38 -19.74 1.04 -3.82
N PRO B 39 -19.45 0.19 -4.80
CA PRO B 39 -20.46 -0.13 -5.81
C PRO B 39 -21.69 -0.72 -5.15
N ARG B 40 -22.87 -0.39 -5.70
CA ARG B 40 -24.10 -0.83 -5.07
C ARG B 40 -24.18 -2.34 -4.97
N HIS B 41 -23.65 -3.05 -5.96
CA HIS B 41 -23.78 -4.50 -5.93
C HIS B 41 -22.98 -5.14 -4.82
N ALA B 42 -22.11 -4.40 -4.12
CA ALA B 42 -21.38 -5.00 -3.01
C ALA B 42 -22.32 -5.47 -1.91
N LYS B 43 -23.47 -4.79 -1.76
CA LYS B 43 -24.52 -5.12 -0.79
C LYS B 43 -23.90 -5.50 0.59
N PRO B 44 -23.21 -4.59 1.23
CA PRO B 44 -22.58 -4.96 2.52
C PRO B 44 -23.62 -5.32 3.56
N GLY B 45 -23.27 -6.30 4.39
CA GLY B 45 -24.14 -6.77 5.43
C GLY B 45 -23.87 -5.99 6.69
N PRO B 46 -24.21 -6.55 7.84
CA PRO B 46 -23.92 -5.84 9.08
C PRO B 46 -22.42 -5.60 9.31
N THR B 47 -21.56 -6.45 8.76
CA THR B 47 -20.12 -6.23 8.87
C THR B 47 -19.44 -6.54 7.55
N ILE B 48 -18.25 -5.97 7.37
CA ILE B 48 -17.45 -6.16 6.17
C ILE B 48 -16.04 -6.56 6.59
N LEU B 49 -15.31 -7.14 5.65
CA LEU B 49 -13.88 -7.38 5.79
C LEU B 49 -13.14 -6.25 5.09
N MET B 50 -12.39 -5.49 5.87
CA MET B 50 -11.65 -4.34 5.39
C MET B 50 -10.17 -4.60 5.63
N ASN B 51 -9.42 -4.79 4.55
CA ASN B 51 -8.05 -5.27 4.63
C ASN B 51 -7.96 -6.49 5.52
N ASP B 52 -8.83 -7.45 5.25
CA ASP B 52 -8.95 -8.69 6.01
C ASP B 52 -9.24 -8.49 7.50
N GLN B 53 -9.84 -7.38 7.90
CA GLN B 53 -10.21 -7.15 9.29
C GLN B 53 -11.72 -6.93 9.39
N GLU B 54 -12.36 -7.48 10.42
CA GLU B 54 -13.82 -7.36 10.53
C GLU B 54 -14.16 -5.96 11.03
N VAL B 55 -14.94 -5.23 10.23
CA VAL B 55 -15.32 -3.86 10.55
C VAL B 55 -16.83 -3.77 10.51
N GLY B 56 -17.43 -3.33 11.62
CA GLY B 56 -18.87 -3.15 11.66
C GLY B 56 -19.33 -1.99 10.80
N VAL B 57 -20.55 -2.13 10.28
CA VAL B 57 -21.18 -1.08 9.47
C VAL B 57 -22.28 -0.44 10.29
N LEU B 58 -22.12 0.86 10.58
CA LEU B 58 -23.10 1.60 11.36
C LEU B 58 -24.33 1.98 10.55
N ASP B 59 -24.16 2.31 9.26
CA ASP B 59 -25.23 2.83 8.40
C ASP B 59 -24.80 2.69 6.94
N ALA B 60 -25.73 2.31 6.08
CA ALA B 60 -25.45 2.14 4.65
C ALA B 60 -26.61 2.68 3.83
N LYS B 61 -26.30 3.59 2.91
CA LYS B 61 -27.28 4.30 2.10
C LYS B 61 -27.00 4.00 0.63
N GLU B 62 -27.98 3.44 -0.08
CA GLU B 62 -27.89 3.26 -1.53
C GLU B 62 -28.41 4.55 -2.18
N LEU B 63 -27.54 5.20 -2.96
CA LEU B 63 -27.85 6.53 -3.48
C LEU B 63 -28.79 6.51 -4.69
N VAL B 64 -29.81 7.36 -4.63
CA VAL B 64 -30.66 7.64 -5.79
C VAL B 64 -30.69 9.14 -5.99
N ASP B 65 -31.00 9.53 -7.23
CA ASP B 65 -31.11 10.92 -7.59
C ASP B 65 -32.47 11.47 -7.14
N LYS B 66 -32.78 12.70 -7.51
CA LYS B 66 -34.08 13.26 -7.18
C LYS B 66 -35.21 12.47 -7.83
N ASP B 67 -34.95 11.82 -8.96
CA ASP B 67 -35.93 11.04 -9.72
C ASP B 67 -36.24 9.69 -9.10
N GLY B 68 -35.48 9.26 -8.10
CA GLY B 68 -35.57 7.91 -7.64
C GLY B 68 -34.73 6.94 -8.44
N THR B 69 -34.03 7.42 -9.45
CA THR B 69 -33.23 6.58 -10.33
C THR B 69 -31.97 6.13 -9.62
N ASN B 70 -31.61 4.87 -9.88
CA ASN B 70 -30.39 4.28 -9.33
C ASN B 70 -29.16 5.11 -9.69
N LEU B 71 -28.26 5.29 -8.72
CA LEU B 71 -26.94 5.82 -9.02
C LEU B 71 -25.84 4.77 -8.93
N GLU B 72 -26.16 3.56 -8.47
CA GLU B 72 -25.23 2.43 -8.48
C GLU B 72 -24.06 2.61 -7.50
N LEU B 73 -24.21 3.48 -6.50
CA LEU B 73 -23.25 3.69 -5.44
C LEU B 73 -23.91 3.45 -4.09
N THR B 74 -23.14 2.90 -3.14
CA THR B 74 -23.59 2.75 -1.76
C THR B 74 -22.65 3.50 -0.84
N LEU B 75 -23.19 4.36 0.02
CA LEU B 75 -22.44 5.00 1.08
C LEU B 75 -22.60 4.21 2.36
N LEU B 76 -21.49 3.88 3.00
CA LEU B 76 -21.55 3.21 4.28
C LEU B 76 -20.67 3.95 5.28
N LYS B 77 -21.15 4.02 6.53
CA LYS B 77 -20.39 4.55 7.65
C LYS B 77 -19.75 3.38 8.38
N LEU B 78 -18.46 3.49 8.65
CA LEU B 78 -17.68 2.40 9.24
C LEU B 78 -17.47 2.59 10.74
N ASN B 79 -17.61 1.50 11.48
CA ASN B 79 -17.36 1.56 12.92
C ASN B 79 -15.88 1.31 13.21
N ARG B 80 -15.09 2.32 12.93
CA ARG B 80 -13.67 2.22 13.21
C ARG B 80 -13.20 3.55 13.77
N ASN B 81 -12.14 3.47 14.58
CA ASN B 81 -11.60 4.67 15.22
C ASN B 81 -10.99 5.61 14.20
N GLU B 82 -10.12 5.07 13.34
CA GLU B 82 -9.47 5.84 12.28
C GLU B 82 -10.44 6.68 11.46
N LYS B 83 -10.03 7.91 11.14
CA LYS B 83 -10.73 8.74 10.16
C LYS B 83 -10.04 8.68 8.80
N PHE B 84 -10.84 8.79 7.74
CA PHE B 84 -10.34 8.94 6.38
C PHE B 84 -9.90 10.36 6.11
N ARG B 85 -8.88 10.51 5.28
CA ARG B 85 -8.51 11.83 4.79
C ARG B 85 -9.69 12.45 4.03
N ASP B 86 -9.97 13.71 4.34
CA ASP B 86 -11.13 14.39 3.77
C ASP B 86 -10.78 14.78 2.34
N ILE B 87 -11.33 14.05 1.39
CA ILE B 87 -11.03 14.30 -0.02
C ILE B 87 -12.20 14.98 -0.74
N ARG B 88 -13.15 15.54 0.01
CA ARG B 88 -14.29 16.17 -0.64
C ARG B 88 -13.89 17.38 -1.46
N GLY B 89 -12.78 18.03 -1.15
CA GLY B 89 -12.31 19.11 -2.00
C GLY B 89 -11.80 18.66 -3.37
N PHE B 90 -11.69 17.35 -3.60
CA PHE B 90 -11.28 16.78 -4.87
C PHE B 90 -12.45 16.27 -5.66
N LEU B 91 -13.65 16.60 -5.24
CA LEU B 91 -14.87 16.12 -5.85
C LEU B 91 -15.58 17.30 -6.50
N ALA B 92 -16.23 17.04 -7.61
CA ALA B 92 -16.80 18.13 -8.39
C ALA B 92 -18.25 18.42 -8.00
N LYS B 93 -18.69 19.62 -8.38
CA LYS B 93 -20.11 19.95 -8.30
C LYS B 93 -20.91 19.07 -9.25
N GLU B 94 -20.45 18.93 -10.49
CA GLU B 94 -21.14 18.17 -11.52
C GLU B 94 -20.13 17.30 -12.25
N GLU B 95 -20.63 16.51 -13.20
CA GLU B 95 -19.79 15.57 -13.92
C GLU B 95 -18.65 16.30 -14.62
N VAL B 96 -17.50 15.65 -14.67
CA VAL B 96 -16.28 16.20 -15.27
C VAL B 96 -15.84 15.30 -16.41
N GLU B 97 -15.40 15.90 -17.50
CA GLU B 97 -14.73 15.21 -18.58
C GLU B 97 -13.27 15.63 -18.66
N VAL B 98 -12.37 14.64 -18.82
CA VAL B 98 -10.94 14.89 -18.94
C VAL B 98 -10.44 14.12 -20.15
N ASN B 99 -9.36 14.61 -20.74
CA ASN B 99 -8.82 13.91 -21.90
C ASN B 99 -8.07 12.65 -21.52
N GLU B 100 -7.60 12.56 -20.28
CA GLU B 100 -6.85 11.38 -19.84
C GLU B 100 -7.06 11.21 -18.34
N ALA B 101 -7.41 9.99 -17.94
CA ALA B 101 -7.62 9.66 -16.54
C ALA B 101 -6.93 8.34 -16.23
N VAL B 102 -6.83 8.05 -14.94
CA VAL B 102 -6.26 6.82 -14.44
C VAL B 102 -7.34 6.08 -13.70
N LEU B 103 -7.42 4.77 -13.92
CA LEU B 103 -8.26 3.88 -13.13
C LEU B 103 -7.39 3.04 -12.19
N ALA B 104 -7.55 3.24 -10.87
CA ALA B 104 -6.75 2.55 -9.85
C ALA B 104 -7.55 1.49 -9.10
N ILE B 105 -6.98 0.29 -8.99
CA ILE B 105 -7.64 -0.87 -8.42
C ILE B 105 -6.74 -1.49 -7.37
N ASN B 106 -7.31 -1.86 -6.23
CA ASN B 106 -6.57 -2.46 -5.13
C ASN B 106 -7.32 -3.68 -4.64
N THR B 107 -7.11 -4.83 -5.29
CA THR B 107 -7.62 -6.11 -4.77
C THR B 107 -6.52 -7.13 -4.90
N SER B 108 -6.76 -8.29 -4.30
CA SER B 108 -5.78 -9.37 -4.37
C SER B 108 -5.57 -9.87 -5.80
N LYS B 109 -6.55 -9.66 -6.67
CA LYS B 109 -6.41 -10.02 -8.07
C LYS B 109 -5.75 -8.93 -8.90
N PHE B 110 -5.98 -7.67 -8.57
CA PHE B 110 -5.34 -6.55 -9.27
C PHE B 110 -4.70 -5.67 -8.23
N PRO B 111 -3.54 -6.05 -7.73
CA PRO B 111 -2.91 -5.27 -6.66
C PRO B 111 -2.09 -4.12 -7.19
N ASN B 112 -2.28 -2.94 -6.60
CA ASN B 112 -1.52 -1.74 -6.90
C ASN B 112 -1.49 -1.47 -8.40
N MET B 113 -2.66 -1.57 -9.03
CA MET B 113 -2.75 -1.39 -10.47
C MET B 113 -3.33 -0.02 -10.79
N TYR B 114 -2.57 0.75 -11.57
CA TYR B 114 -2.96 2.08 -12.01
C TYR B 114 -2.99 2.07 -13.54
N ILE B 115 -4.18 2.06 -14.11
CA ILE B 115 -4.42 1.86 -15.54
C ILE B 115 -4.76 3.19 -16.19
N PRO B 116 -3.98 3.66 -17.14
CA PRO B 116 -4.38 4.86 -17.89
C PRO B 116 -5.53 4.51 -18.83
N VAL B 117 -6.61 5.30 -18.80
CA VAL B 117 -7.77 5.00 -19.63
C VAL B 117 -8.06 6.07 -20.66
N GLY B 118 -7.36 7.20 -20.64
CA GLY B 118 -7.58 8.22 -21.65
C GLY B 118 -8.88 8.99 -21.46
N GLN B 119 -9.53 9.28 -22.59
CA GLN B 119 -10.75 10.08 -22.62
C GLN B 119 -11.82 9.52 -21.69
N VAL B 120 -12.38 10.37 -20.84
CA VAL B 120 -13.57 10.06 -20.06
C VAL B 120 -14.67 11.01 -20.51
N THR B 121 -15.87 10.47 -20.80
CA THR B 121 -16.98 11.30 -21.23
C THR B 121 -18.23 11.03 -20.38
N GLU B 122 -19.04 12.06 -20.26
CA GLU B 122 -20.36 11.92 -19.65
C GLU B 122 -21.24 11.07 -20.56
N TYR B 123 -21.72 9.94 -20.04
CA TYR B 123 -22.54 9.04 -20.83
C TYR B 123 -24.03 9.19 -20.49
N GLY B 124 -24.34 9.55 -19.26
CA GLY B 124 -25.70 9.78 -18.80
C GLY B 124 -26.46 8.53 -18.39
N PHE B 125 -27.56 8.26 -19.10
CA PHE B 125 -28.43 7.14 -18.77
C PHE B 125 -27.87 5.81 -19.26
N LEU B 126 -28.08 4.76 -18.46
CA LEU B 126 -27.58 3.44 -18.75
C LEU B 126 -28.46 2.38 -18.10
N ASN B 127 -28.64 1.27 -18.81
CA ASN B 127 -29.37 0.10 -18.28
C ASN B 127 -28.34 -0.95 -17.86
N LEU B 128 -27.91 -0.89 -16.59
CA LEU B 128 -27.06 -1.91 -16.00
C LEU B 128 -27.91 -3.03 -15.41
N GLY B 129 -27.71 -4.25 -15.93
CA GLY B 129 -28.30 -5.45 -15.38
C GLY B 129 -29.79 -5.34 -15.25
N GLY B 130 -30.42 -4.62 -16.17
CA GLY B 130 -31.84 -4.39 -16.11
C GLY B 130 -32.28 -3.23 -15.23
N THR B 131 -31.34 -2.53 -14.60
CA THR B 131 -31.69 -1.41 -13.71
C THR B 131 -31.32 -0.11 -14.38
N PRO B 132 -32.29 0.79 -14.59
CA PRO B 132 -31.97 2.12 -15.11
C PRO B 132 -31.09 2.88 -14.14
N THR B 133 -29.99 3.44 -14.64
CA THR B 133 -29.09 4.23 -13.81
C THR B 133 -28.71 5.49 -14.56
N LYS B 134 -28.39 6.54 -13.82
CA LYS B 134 -28.05 7.85 -14.36
C LYS B 134 -26.66 8.27 -13.89
N ARG B 135 -26.15 9.32 -14.53
CA ARG B 135 -24.89 9.96 -14.18
C ARG B 135 -23.71 9.01 -14.39
N MET B 136 -23.73 8.26 -15.48
CA MET B 136 -22.65 7.33 -15.77
C MET B 136 -21.58 8.04 -16.59
N LEU B 137 -20.32 7.67 -16.31
CA LEU B 137 -19.15 8.15 -17.03
C LEU B 137 -18.56 7.01 -17.86
N MET B 138 -18.24 7.29 -19.12
CA MET B 138 -17.76 6.25 -20.02
C MET B 138 -16.28 6.50 -20.37
N TYR B 139 -15.54 5.41 -20.53
CA TYR B 139 -14.14 5.42 -20.95
C TYR B 139 -13.93 4.12 -21.71
N ASN B 140 -13.32 4.24 -22.88
CA ASN B 140 -13.07 3.08 -23.72
C ASN B 140 -11.96 2.25 -23.10
N PHE B 141 -12.31 1.11 -22.52
CA PHE B 141 -11.33 0.23 -21.90
C PHE B 141 -11.96 -1.11 -21.59
N PRO B 142 -11.34 -2.24 -21.98
CA PRO B 142 -11.94 -3.54 -21.66
C PRO B 142 -11.94 -3.74 -20.17
N THR B 143 -13.10 -4.07 -19.63
CA THR B 143 -13.29 -4.22 -18.20
C THR B 143 -13.52 -5.68 -17.85
N ARG B 144 -12.94 -6.10 -16.72
CA ARG B 144 -13.03 -7.48 -16.28
C ARG B 144 -13.64 -7.57 -14.89
N ALA B 145 -13.96 -8.81 -14.52
CA ALA B 145 -14.40 -9.11 -13.16
C ALA B 145 -13.35 -8.69 -12.14
N GLY B 146 -13.81 -8.10 -11.05
CA GLY B 146 -12.96 -7.73 -9.95
C GLY B 146 -12.40 -6.33 -10.01
N GLN B 147 -12.85 -5.52 -10.96
CA GLN B 147 -12.46 -4.13 -11.07
C GLN B 147 -13.50 -3.17 -10.50
N ALA B 148 -14.71 -3.64 -10.19
CA ALA B 148 -15.72 -2.76 -9.61
C ALA B 148 -15.20 -2.17 -8.30
N GLY B 149 -15.37 -0.86 -8.15
CA GLY B 149 -14.82 -0.14 -7.04
C GLY B 149 -13.56 0.65 -7.38
N GLY B 150 -12.94 0.38 -8.52
CA GLY B 150 -11.75 1.12 -8.90
C GLY B 150 -12.05 2.61 -8.94
N VAL B 151 -11.06 3.40 -8.58
CA VAL B 151 -11.25 4.84 -8.45
C VAL B 151 -10.75 5.52 -9.73
N LEU B 152 -11.64 6.24 -10.38
CA LEU B 152 -11.34 6.94 -11.62
C LEU B 152 -10.91 8.37 -11.28
N MET B 153 -9.72 8.77 -11.75
CA MET B 153 -9.11 9.99 -11.26
C MET B 153 -8.39 10.78 -12.36
N SER B 154 -8.16 12.02 -12.03
CA SER B 154 -7.37 12.96 -12.80
C SER B 154 -6.62 13.77 -11.75
N THR B 155 -5.58 14.50 -12.16
CA THR B 155 -4.80 15.23 -11.16
C THR B 155 -5.70 16.21 -10.41
N GLY B 156 -5.82 16.00 -9.09
CA GLY B 156 -6.64 16.82 -8.23
C GLY B 156 -8.14 16.55 -8.30
N LYS B 157 -8.56 15.49 -8.98
CA LYS B 157 -9.96 15.21 -9.23
C LYS B 157 -10.21 13.72 -9.06
N VAL B 158 -11.17 13.35 -8.22
CA VAL B 158 -11.67 11.98 -8.18
C VAL B 158 -12.97 11.99 -9.00
N LEU B 159 -12.97 11.33 -10.14
CA LEU B 159 -14.10 11.45 -11.06
C LEU B 159 -15.25 10.54 -10.66
N GLY B 160 -14.97 9.28 -10.35
CA GLY B 160 -16.03 8.37 -10.00
C GLY B 160 -15.52 6.99 -9.65
N ILE B 161 -16.45 6.05 -9.53
CA ILE B 161 -16.17 4.69 -9.12
C ILE B 161 -16.57 3.74 -10.24
N HIS B 162 -15.67 2.83 -10.61
CA HIS B 162 -15.97 1.83 -11.62
C HIS B 162 -17.12 0.92 -11.15
N VAL B 163 -18.15 0.77 -11.99
CA VAL B 163 -19.31 -0.04 -11.64
C VAL B 163 -19.72 -1.05 -12.71
N GLY B 164 -19.03 -1.11 -13.84
CA GLY B 164 -19.39 -2.06 -14.86
C GLY B 164 -18.80 -1.70 -16.21
N GLY B 165 -19.04 -2.59 -17.16
CA GLY B 165 -18.53 -2.42 -18.52
C GLY B 165 -19.09 -3.49 -19.43
N ASN B 166 -18.69 -3.42 -20.69
CA ASN B 166 -19.30 -4.26 -21.73
C ASN B 166 -18.25 -4.98 -22.59
N GLY B 167 -17.02 -5.11 -22.10
CA GLY B 167 -15.98 -5.81 -22.82
C GLY B 167 -15.14 -4.93 -23.73
N HIS B 168 -15.64 -3.76 -24.09
CA HIS B 168 -14.87 -2.77 -24.81
C HIS B 168 -14.93 -1.39 -24.16
N GLN B 169 -15.92 -1.13 -23.31
CA GLN B 169 -16.04 0.13 -22.61
C GLN B 169 -16.15 -0.08 -21.10
N GLY B 170 -15.74 0.93 -20.36
CA GLY B 170 -15.93 0.97 -18.92
C GLY B 170 -16.86 2.09 -18.52
N PHE B 171 -17.56 1.88 -17.39
CA PHE B 171 -18.53 2.83 -16.87
C PHE B 171 -18.25 3.11 -15.39
N SER B 172 -18.24 4.39 -15.01
CA SER B 172 -18.10 4.83 -13.63
C SER B 172 -19.30 5.65 -13.18
N ALA B 173 -19.79 5.35 -11.98
CA ALA B 173 -20.72 6.23 -11.28
C ALA B 173 -19.99 7.52 -10.86
N ALA B 174 -20.45 8.65 -11.39
CA ALA B 174 -19.84 9.94 -11.08
C ALA B 174 -19.90 10.25 -9.59
N LEU B 175 -18.88 10.91 -9.09
CA LEU B 175 -18.71 11.05 -7.64
C LEU B 175 -18.87 12.53 -7.34
N LEU B 176 -20.09 12.94 -7.04
CA LEU B 176 -20.41 14.37 -6.95
C LEU B 176 -20.25 14.90 -5.53
N LYS B 177 -19.96 16.19 -5.42
CA LYS B 177 -19.60 16.74 -4.11
C LYS B 177 -20.78 16.72 -3.14
N HIS B 178 -21.99 17.05 -3.61
CA HIS B 178 -23.10 17.22 -2.68
C HIS B 178 -23.60 15.91 -2.12
N TYR B 179 -23.17 14.76 -2.67
CA TYR B 179 -23.50 13.48 -2.05
C TYR B 179 -22.93 13.38 -0.62
N PHE B 180 -21.96 14.21 -0.26
CA PHE B 180 -21.25 14.05 1.00
C PHE B 180 -21.36 15.29 1.88
N ASN B 181 -22.35 16.15 1.61
CA ASN B 181 -22.58 17.31 2.46
C ASN B 181 -22.86 16.90 3.90
N ASP B 182 -23.85 16.03 4.11
CA ASP B 182 -24.19 15.62 5.48
C ASP B 182 -24.14 14.11 5.68
N GLU B 183 -24.78 13.35 4.79
CA GLU B 183 -24.82 11.90 4.94
C GLU B 183 -23.70 11.23 4.12
#